data_3AIH
#
_entry.id   3AIH
#
_cell.length_a   73.1
_cell.length_b   73.1
_cell.length_c   180.3
_cell.angle_alpha   90.00
_cell.angle_beta   90.00
_cell.angle_gamma   120.00
#
_symmetry.space_group_name_H-M   'P 61 2 2'
#
loop_
_entity.id
_entity.type
_entity.pdbx_description
1 polymer 'Protein OS-9'
2 branched alpha-D-mannopyranose-(1-6)-alpha-D-mannopyranose-(1-6)-beta-D-mannopyranose
3 water water
#
_entity_poly.entity_id   1
_entity_poly.type   'polypeptide(L)'
_entity_poly.pdbx_seq_one_letter_code
;GSAPCLLKTKDWWTYEFCYGRHIQQYHMEDSEIKGEVLYLGYYQSAFDWDDETAKASKQHRLKRYHSQTYGNGSKCDLNG
RPREAEVRFLCDEGAGISGDYIDRVDEPLSCSYVLTIRTPRLCP
;
_entity_poly.pdbx_strand_id   A,B
#
loop_
_chem_comp.id
_chem_comp.type
_chem_comp.name
_chem_comp.formula
BMA D-saccharide, beta linking beta-D-mannopyranose 'C6 H12 O6'
MAN D-saccharide, alpha linking alpha-D-mannopyranose 'C6 H12 O6'
#
# COMPACT_ATOMS: atom_id res chain seq x y z
N PRO A 4 -1.95 -17.59 -20.27
CA PRO A 4 -1.63 -16.38 -21.04
C PRO A 4 -1.91 -15.09 -20.24
N CYS A 5 -0.99 -14.13 -20.30
CA CYS A 5 -1.01 -12.96 -19.43
C CYS A 5 -2.17 -12.01 -19.68
N LEU A 6 -2.71 -11.41 -18.61
CA LEU A 6 -3.77 -10.37 -18.72
C LEU A 6 -3.11 -9.02 -18.89
N LEU A 7 -3.77 -8.15 -19.63
CA LEU A 7 -3.22 -6.84 -19.92
C LEU A 7 -4.24 -5.75 -19.67
N LYS A 8 -3.75 -4.60 -19.25
CA LYS A 8 -4.56 -3.39 -19.13
C LYS A 8 -3.65 -2.16 -19.21
N THR A 9 -4.11 -1.18 -19.95
CA THR A 9 -3.44 0.11 -20.01
C THR A 9 -4.20 1.13 -19.18
N LYS A 10 -3.45 1.84 -18.33
CA LYS A 10 -3.96 3.00 -17.57
C LYS A 10 -2.99 4.21 -17.69
N ASP A 11 -3.44 5.28 -18.37
CA ASP A 11 -2.58 6.42 -18.80
C ASP A 11 -1.27 5.94 -19.45
N TRP A 12 -0.15 6.19 -18.79
CA TRP A 12 1.14 5.92 -19.35
C TRP A 12 1.50 4.43 -19.38
N TRP A 13 1.08 3.73 -18.34
CA TRP A 13 1.53 2.39 -18.11
C TRP A 13 0.58 1.31 -18.63
N THR A 14 1.19 0.27 -19.20
CA THR A 14 0.48 -0.96 -19.54
C THR A 14 0.92 -1.98 -18.50
N TYR A 15 -0.05 -2.75 -17.99
CA TYR A 15 0.21 -3.70 -16.93
C TYR A 15 0.02 -5.11 -17.48
N GLU A 16 0.97 -6.01 -17.18
CA GLU A 16 0.92 -7.39 -17.64
C GLU A 16 0.93 -8.30 -16.42
N PHE A 17 -0.15 -9.05 -16.26
CA PHE A 17 -0.26 -9.96 -15.14
C PHE A 17 -0.11 -11.40 -15.63
N CYS A 18 1.00 -12.04 -15.25
CA CYS A 18 1.30 -13.44 -15.56
C CYS A 18 1.14 -14.22 -14.29
N TYR A 19 0.01 -14.91 -14.22
CA TYR A 19 -0.43 -15.54 -13.01
C TYR A 19 0.62 -16.51 -12.45
N GLY A 20 1.00 -16.36 -11.18
CA GLY A 20 1.99 -17.27 -10.62
C GLY A 20 3.42 -17.09 -11.10
N ARG A 21 3.71 -16.01 -11.83
CA ARG A 21 5.04 -15.71 -12.38
C ARG A 21 5.46 -14.30 -12.01
N HIS A 22 4.87 -13.28 -12.62
CA HIS A 22 5.29 -11.93 -12.26
C HIS A 22 4.30 -10.96 -12.76
N ILE A 23 4.48 -9.71 -12.38
CA ILE A 23 3.67 -8.61 -12.83
C ILE A 23 4.61 -7.56 -13.43
N GLN A 24 4.18 -6.97 -14.54
CA GLN A 24 5.05 -6.07 -15.29
C GLN A 24 4.33 -4.78 -15.60
N GLN A 25 5.11 -3.71 -15.72
CA GLN A 25 4.57 -2.38 -16.03
C GLN A 25 5.49 -1.75 -17.08
N TYR A 26 4.95 -1.26 -18.18
CA TYR A 26 5.80 -0.76 -19.28
C TYR A 26 4.96 0.13 -20.16
N HIS A 27 5.60 0.86 -21.08
CA HIS A 27 4.90 1.81 -21.93
C HIS A 27 4.92 1.31 -23.38
N MET A 28 3.80 1.51 -24.03
CA MET A 28 3.54 1.03 -25.35
C MET A 28 3.55 2.24 -26.24
N GLU A 29 4.24 2.13 -27.36
CA GLU A 29 3.95 3.06 -28.42
C GLU A 29 3.65 2.26 -29.68
N ASP A 30 2.51 2.61 -30.27
CA ASP A 30 1.96 1.91 -31.42
C ASP A 30 1.51 0.52 -30.99
N SER A 31 2.43 -0.44 -30.82
CA SER A 31 2.10 -1.74 -30.23
C SER A 31 3.38 -2.41 -29.80
N GLU A 32 4.36 -1.59 -29.49
CA GLU A 32 5.66 -2.11 -29.12
C GLU A 32 6.00 -1.58 -27.72
N ILE A 33 6.78 -2.33 -26.96
CA ILE A 33 7.23 -1.85 -25.66
C ILE A 33 8.37 -0.86 -25.93
N LYS A 34 8.06 0.42 -25.77
CA LYS A 34 9.11 1.48 -25.78
C LYS A 34 9.85 1.62 -24.45
N GLY A 35 11.04 1.00 -24.35
CA GLY A 35 11.94 1.25 -23.25
C GLY A 35 12.18 0.17 -22.20
N GLU A 36 12.41 0.63 -21.00
CA GLU A 36 12.45 -0.15 -19.75
C GLU A 36 11.13 -0.88 -19.47
N VAL A 37 11.26 -2.14 -19.06
CA VAL A 37 10.14 -2.94 -18.59
C VAL A 37 10.29 -2.97 -17.07
N LEU A 38 9.29 -2.53 -16.31
CA LEU A 38 9.42 -2.60 -14.84
C LEU A 38 8.69 -3.80 -14.28
N TYR A 39 9.30 -4.42 -13.26
CA TYR A 39 8.68 -5.51 -12.54
C TYR A 39 8.03 -4.97 -11.27
N LEU A 40 6.71 -5.08 -11.20
CA LEU A 40 5.95 -4.81 -9.97
C LEU A 40 6.31 -5.84 -8.91
N GLY A 41 6.69 -7.03 -9.34
CA GLY A 41 7.07 -8.08 -8.40
C GLY A 41 7.11 -9.44 -9.06
N TYR A 42 7.75 -10.39 -8.40
CA TYR A 42 7.83 -11.77 -8.84
C TYR A 42 7.01 -12.56 -7.87
N TYR A 43 6.38 -13.61 -8.40
CA TYR A 43 5.52 -14.47 -7.62
C TYR A 43 6.15 -14.98 -6.37
N GLN A 44 5.43 -14.86 -5.26
CA GLN A 44 5.94 -15.30 -3.98
C GLN A 44 5.01 -16.23 -3.22
N SER A 45 3.72 -15.92 -3.23
CA SER A 45 2.78 -16.73 -2.42
C SER A 45 1.38 -16.63 -2.93
N ALA A 46 0.55 -17.58 -2.56
CA ALA A 46 -0.84 -17.56 -2.93
C ALA A 46 -1.61 -18.31 -1.87
N PHE A 47 -2.84 -17.86 -1.63
CA PHE A 47 -3.77 -18.56 -0.79
C PHE A 47 -5.09 -18.75 -1.53
N ASP A 48 -5.60 -19.97 -1.51
CA ASP A 48 -6.90 -20.25 -2.10
C ASP A 48 -7.86 -20.86 -1.03
N TRP A 49 -9.11 -20.44 -1.04
CA TRP A 49 -10.14 -21.00 -0.14
C TRP A 49 -11.41 -21.32 -0.96
N ASP A 50 -12.03 -22.48 -0.72
CA ASP A 50 -13.16 -22.94 -1.54
C ASP A 50 -14.12 -24.04 -0.95
N ASP A 51 -15.31 -23.61 -0.49
CA ASP A 51 -16.63 -24.37 -0.59
C ASP A 51 -17.44 -24.15 0.67
N LYS A 63 -17.55 -18.68 1.17
CA LYS A 63 -17.59 -19.45 -0.09
C LYS A 63 -16.21 -19.57 -0.79
N ARG A 64 -15.78 -18.47 -1.44
CA ARG A 64 -14.54 -18.46 -2.22
C ARG A 64 -13.66 -17.25 -1.94
N TYR A 65 -12.34 -17.48 -1.94
CA TYR A 65 -11.37 -16.45 -1.68
C TYR A 65 -10.04 -16.85 -2.34
N HIS A 66 -9.31 -15.86 -2.87
CA HIS A 66 -8.00 -16.16 -3.47
C HIS A 66 -7.15 -14.93 -3.44
N SER A 67 -5.90 -15.05 -2.99
CA SER A 67 -5.01 -13.86 -2.88
C SER A 67 -3.65 -14.30 -3.36
N GLN A 68 -2.88 -13.39 -3.95
CA GLN A 68 -1.46 -13.71 -4.27
C GLN A 68 -0.54 -12.57 -3.84
N THR A 69 0.71 -12.87 -3.55
CA THR A 69 1.64 -11.80 -3.33
C THR A 69 2.85 -11.91 -4.27
N TYR A 70 3.38 -10.77 -4.65
CA TYR A 70 4.51 -10.64 -5.58
C TYR A 70 5.49 -9.66 -4.99
N GLY A 71 6.79 -9.99 -5.03
CA GLY A 71 7.86 -9.21 -4.35
C GLY A 71 9.15 -9.04 -5.15
N ASN A 72 10.11 -8.29 -4.59
CA ASN A 72 11.37 -7.98 -5.31
C ASN A 72 11.24 -7.53 -6.73
N GLY A 73 10.36 -6.58 -7.00
CA GLY A 73 10.27 -6.06 -8.36
C GLY A 73 11.41 -5.05 -8.54
N SER A 74 11.28 -4.19 -9.53
CA SER A 74 12.33 -3.20 -9.76
C SER A 74 12.47 -2.23 -8.57
N LYS A 75 13.72 -1.90 -8.23
CA LYS A 75 14.02 -0.87 -7.22
C LYS A 75 13.26 0.41 -7.49
N CYS A 76 12.69 0.97 -6.43
CA CYS A 76 11.98 2.25 -6.49
C CYS A 76 13.00 3.38 -6.39
N ASP A 77 12.87 4.40 -7.24
CA ASP A 77 13.87 5.47 -7.22
C ASP A 77 13.57 6.40 -6.05
N LEU A 78 12.32 6.37 -5.58
CA LEU A 78 11.93 7.22 -4.48
C LEU A 78 12.64 6.80 -3.19
N ASN A 79 12.85 5.49 -2.99
CA ASN A 79 13.38 4.94 -1.74
C ASN A 79 14.41 3.81 -1.90
N GLY A 80 14.76 3.44 -3.13
CA GLY A 80 15.62 2.27 -3.36
C GLY A 80 15.15 0.89 -2.87
N ARG A 81 13.87 0.77 -2.52
CA ARG A 81 13.25 -0.47 -2.05
C ARG A 81 12.71 -1.19 -3.29
N PRO A 82 12.78 -2.54 -3.36
CA PRO A 82 12.11 -3.25 -4.46
C PRO A 82 10.60 -2.99 -4.50
N ARG A 83 10.03 -2.98 -5.70
CA ARG A 83 8.59 -2.90 -5.83
C ARG A 83 7.96 -4.18 -5.24
N GLU A 84 6.71 -4.05 -4.78
CA GLU A 84 5.96 -5.18 -4.22
C GLU A 84 4.49 -5.04 -4.63
N ALA A 85 3.79 -6.16 -4.77
CA ALA A 85 2.37 -6.10 -5.14
C ALA A 85 1.58 -7.21 -4.44
N GLU A 86 0.31 -6.92 -4.13
CA GLU A 86 -0.66 -7.95 -3.76
C GLU A 86 -1.74 -7.88 -4.79
N VAL A 87 -2.43 -8.98 -4.94
CA VAL A 87 -3.49 -9.14 -5.92
C VAL A 87 -4.74 -9.63 -5.22
N ARG A 88 -5.82 -8.86 -5.37
CA ARG A 88 -7.14 -9.27 -4.90
C ARG A 88 -7.83 -9.92 -6.09
N PHE A 89 -8.70 -10.89 -5.80
CA PHE A 89 -9.46 -11.57 -6.81
C PHE A 89 -10.91 -11.41 -6.39
N LEU A 90 -11.70 -10.76 -7.24
CA LEU A 90 -13.07 -10.52 -6.86
C LEU A 90 -13.98 -11.05 -7.97
N CYS A 91 -15.23 -11.30 -7.61
CA CYS A 91 -16.31 -11.68 -8.56
C CYS A 91 -16.41 -10.68 -9.74
N ASP A 92 -16.51 -11.20 -10.96
CA ASP A 92 -16.80 -10.36 -12.11
C ASP A 92 -18.27 -10.03 -12.04
N GLU A 93 -18.62 -8.83 -11.58
CA GLU A 93 -20.03 -8.50 -11.38
C GLU A 93 -20.77 -8.17 -12.70
N GLY A 94 -20.03 -7.97 -13.79
CA GLY A 94 -20.64 -7.92 -15.12
C GLY A 94 -21.13 -9.30 -15.64
N ALA A 95 -20.79 -10.39 -14.94
CA ALA A 95 -21.06 -11.76 -15.46
C ALA A 95 -20.68 -11.91 -16.96
N GLY A 96 -19.49 -11.42 -17.30
CA GLY A 96 -19.01 -11.34 -18.66
C GLY A 96 -18.65 -12.71 -19.21
N ILE A 97 -18.20 -12.70 -20.47
CA ILE A 97 -17.91 -13.94 -21.20
C ILE A 97 -16.49 -13.99 -21.72
N SER A 98 -15.70 -12.94 -21.48
CA SER A 98 -14.28 -12.98 -21.88
C SER A 98 -13.28 -13.39 -20.76
N GLY A 99 -13.73 -14.10 -19.74
CA GLY A 99 -12.77 -14.57 -18.75
C GLY A 99 -12.24 -13.43 -17.90
N ASP A 100 -11.13 -13.69 -17.21
CA ASP A 100 -10.58 -12.81 -16.19
C ASP A 100 -10.09 -11.49 -16.79
N TYR A 101 -10.05 -10.43 -15.97
CA TYR A 101 -9.47 -9.19 -16.44
C TYR A 101 -8.87 -8.37 -15.30
N ILE A 102 -7.89 -7.57 -15.66
CA ILE A 102 -7.33 -6.62 -14.72
C ILE A 102 -8.34 -5.54 -14.58
N ASP A 103 -8.76 -5.29 -13.35
CA ASP A 103 -9.80 -4.32 -13.08
C ASP A 103 -9.14 -2.97 -12.69
N ARG A 104 -8.35 -2.96 -11.62
CA ARG A 104 -7.79 -1.72 -11.09
C ARG A 104 -6.35 -2.03 -10.76
N VAL A 105 -5.50 -1.01 -10.83
CA VAL A 105 -4.23 -1.09 -10.18
C VAL A 105 -4.19 0.09 -9.18
N ASP A 106 -3.92 -0.17 -7.90
CA ASP A 106 -3.82 0.93 -6.94
C ASP A 106 -2.45 0.94 -6.42
N GLU A 107 -2.00 2.10 -5.98
CA GLU A 107 -0.63 2.20 -5.44
C GLU A 107 -0.63 2.96 -4.14
N PRO A 108 -1.00 2.29 -3.02
CA PRO A 108 -1.27 3.07 -1.77
C PRO A 108 -0.01 3.60 -1.10
N LEU A 109 1.15 2.99 -1.36
CA LEU A 109 2.45 3.59 -0.97
C LEU A 109 3.27 3.58 -2.23
N SER A 110 4.17 4.58 -2.39
CA SER A 110 5.12 4.56 -3.50
C SER A 110 5.70 3.18 -3.74
N CYS A 111 5.50 2.65 -4.95
CA CYS A 111 6.10 1.36 -5.34
C CYS A 111 5.55 0.11 -4.58
N SER A 112 4.40 0.28 -3.96
CA SER A 112 3.65 -0.84 -3.39
C SER A 112 2.28 -0.84 -4.03
N TYR A 113 1.91 -1.95 -4.65
CA TYR A 113 0.72 -1.97 -5.48
C TYR A 113 -0.29 -2.96 -5.03
N VAL A 114 -1.55 -2.66 -5.29
CA VAL A 114 -2.63 -3.63 -5.12
C VAL A 114 -3.32 -3.72 -6.47
N LEU A 115 -3.28 -4.91 -7.08
CA LEU A 115 -3.98 -5.14 -8.33
C LEU A 115 -5.25 -5.85 -7.97
N THR A 116 -6.32 -5.52 -8.68
CA THR A 116 -7.55 -6.23 -8.45
C THR A 116 -7.90 -6.92 -9.74
N ILE A 117 -8.09 -8.24 -9.71
CA ILE A 117 -8.50 -8.97 -10.86
C ILE A 117 -9.95 -9.36 -10.67
N ARG A 118 -10.74 -9.26 -11.73
CA ARG A 118 -12.12 -9.79 -11.73
C ARG A 118 -12.19 -11.10 -12.48
N THR A 119 -12.97 -12.03 -11.94
CA THR A 119 -13.03 -13.37 -12.48
C THR A 119 -14.38 -13.95 -12.15
N PRO A 120 -15.04 -14.59 -13.12
CA PRO A 120 -16.29 -15.30 -12.86
C PRO A 120 -16.18 -16.36 -11.76
N ARG A 121 -14.98 -16.90 -11.55
CA ARG A 121 -14.79 -18.02 -10.61
C ARG A 121 -14.92 -17.66 -9.16
N LEU A 122 -14.86 -16.36 -8.85
CA LEU A 122 -14.99 -15.91 -7.48
C LEU A 122 -16.43 -15.46 -7.15
N CYS A 123 -17.35 -15.59 -8.08
CA CYS A 123 -18.73 -15.16 -7.87
C CYS A 123 -19.52 -16.18 -7.07
N PRO A 124 -20.39 -15.74 -6.11
CA PRO A 124 -21.13 -16.65 -5.18
C PRO A 124 -21.77 -17.85 -5.91
N PRO B 4 6.22 14.76 22.24
CA PRO B 4 5.20 15.06 21.22
C PRO B 4 4.76 13.86 20.30
N CYS B 5 3.98 12.91 20.84
CA CYS B 5 3.60 11.70 20.07
C CYS B 5 2.08 11.44 20.09
N LEU B 6 1.52 11.07 18.94
CA LEU B 6 0.12 10.70 18.79
C LEU B 6 -0.08 9.20 19.04
N LEU B 7 -1.18 8.84 19.72
CA LEU B 7 -1.46 7.45 20.05
C LEU B 7 -2.79 7.03 19.47
N LYS B 8 -2.85 5.79 19.03
CA LYS B 8 -4.08 5.29 18.52
C LYS B 8 -4.07 3.77 18.67
N THR B 9 -5.17 3.23 19.18
CA THR B 9 -5.31 1.77 19.38
C THR B 9 -6.29 1.18 18.34
N LYS B 10 -5.82 0.22 17.55
CA LYS B 10 -6.65 -0.46 16.57
C LYS B 10 -6.52 -1.98 16.80
N ASP B 11 -7.57 -2.59 17.37
CA ASP B 11 -7.60 -4.03 17.70
C ASP B 11 -6.52 -4.36 18.68
N TRP B 12 -5.68 -5.34 18.32
CA TRP B 12 -4.54 -5.74 19.16
C TRP B 12 -3.51 -4.65 19.40
N TRP B 13 -3.40 -3.70 18.46
CA TRP B 13 -2.20 -2.87 18.35
C TRP B 13 -2.45 -1.44 18.72
N THR B 14 -1.53 -0.91 19.53
CA THR B 14 -1.48 0.51 19.79
C THR B 14 -0.37 1.05 18.87
N TYR B 15 -0.69 2.18 18.22
CA TYR B 15 0.28 2.86 17.34
C TYR B 15 0.74 4.16 17.96
N GLU B 16 2.05 4.37 17.98
CA GLU B 16 2.59 5.63 18.46
C GLU B 16 3.38 6.36 17.38
N PHE B 17 2.83 7.49 16.93
CA PHE B 17 3.44 8.32 15.91
C PHE B 17 4.22 9.46 16.53
N CYS B 18 5.52 9.45 16.36
CA CYS B 18 6.34 10.55 16.81
C CYS B 18 6.90 11.29 15.61
N TYR B 19 6.40 12.52 15.45
CA TYR B 19 6.73 13.41 14.33
C TYR B 19 8.19 13.47 13.97
N GLY B 20 8.48 13.11 12.74
CA GLY B 20 9.83 13.25 12.27
C GLY B 20 10.81 12.26 12.86
N ARG B 21 10.32 11.24 13.60
CA ARG B 21 11.24 10.30 14.24
C ARG B 21 10.94 8.83 13.90
N HIS B 22 9.76 8.35 14.31
CA HIS B 22 9.44 6.94 14.18
C HIS B 22 7.97 6.72 14.43
N ILE B 23 7.50 5.55 14.02
CA ILE B 23 6.17 5.07 14.34
C ILE B 23 6.38 3.68 14.97
N GLN B 24 5.80 3.49 16.14
CA GLN B 24 5.89 2.21 16.86
C GLN B 24 4.53 1.53 16.87
N GLN B 25 4.55 0.20 17.00
CA GLN B 25 3.36 -0.55 17.10
C GLN B 25 3.55 -1.52 18.27
N TYR B 26 2.70 -1.47 19.29
CA TYR B 26 2.94 -2.37 20.44
C TYR B 26 1.65 -2.78 21.05
N HIS B 27 1.69 -3.89 21.81
CA HIS B 27 0.47 -4.34 22.53
C HIS B 27 0.52 -3.93 24.01
N MET B 28 -0.62 -3.50 24.51
CA MET B 28 -0.73 -3.07 25.89
C MET B 28 -1.71 -3.92 26.62
N GLU B 29 -1.48 -4.10 27.92
CA GLU B 29 -2.52 -4.70 28.75
C GLU B 29 -2.74 -3.83 29.98
N ASP B 30 -3.99 -3.41 30.18
CA ASP B 30 -4.24 -2.37 31.14
C ASP B 30 -3.64 -1.15 30.44
N SER B 31 -2.47 -0.71 30.91
CA SER B 31 -1.79 0.38 30.22
C SER B 31 -0.30 0.14 30.31
N GLU B 32 0.10 -1.09 30.07
CA GLU B 32 1.48 -1.48 30.18
C GLU B 32 1.88 -2.20 28.89
N ILE B 33 3.05 -1.87 28.38
CA ILE B 33 3.48 -2.49 27.18
C ILE B 33 3.86 -3.93 27.54
N LYS B 34 3.24 -4.90 26.85
CA LYS B 34 3.55 -6.34 27.04
C LYS B 34 4.22 -6.95 25.82
N GLY B 35 5.49 -7.31 25.94
CA GLY B 35 6.21 -7.88 24.83
C GLY B 35 6.99 -6.86 24.06
N GLU B 36 7.41 -7.22 22.86
CA GLU B 36 8.28 -6.38 22.08
C GLU B 36 7.58 -5.19 21.37
N VAL B 37 8.34 -4.13 21.18
CA VAL B 37 7.88 -2.94 20.49
C VAL B 37 8.30 -3.08 19.04
N LEU B 38 7.35 -3.04 18.12
CA LEU B 38 7.75 -3.07 16.70
C LEU B 38 7.88 -1.64 16.14
N TYR B 39 8.74 -1.44 15.15
CA TYR B 39 8.83 -0.20 14.42
C TYR B 39 8.20 -0.34 13.06
N LEU B 40 7.22 0.49 12.78
CA LEU B 40 6.66 0.61 11.42
C LEU B 40 7.67 1.29 10.47
N GLY B 41 8.56 2.09 11.03
CA GLY B 41 9.59 2.75 10.28
C GLY B 41 10.13 3.97 11.03
N TYR B 42 11.22 4.49 10.48
CA TYR B 42 11.96 5.61 10.99
C TYR B 42 11.87 6.70 9.94
N TYR B 43 11.86 7.94 10.39
CA TYR B 43 11.57 9.06 9.47
C TYR B 43 12.53 9.05 8.29
N GLN B 44 12.00 9.25 7.09
CA GLN B 44 12.81 9.18 5.90
C GLN B 44 12.62 10.39 4.95
N SER B 45 11.40 10.81 4.75
CA SER B 45 11.18 11.94 3.88
C SER B 45 9.89 12.67 4.21
N ALA B 46 9.75 13.88 3.68
CA ALA B 46 8.51 14.65 3.81
C ALA B 46 8.33 15.59 2.64
N PHE B 47 7.11 15.67 2.13
CA PHE B 47 6.79 16.63 1.11
C PHE B 47 5.67 17.57 1.53
N ASP B 48 5.92 18.87 1.42
CA ASP B 48 4.96 19.89 1.83
C ASP B 48 4.58 20.82 0.70
N TRP B 49 3.28 21.07 0.56
CA TRP B 49 2.78 21.95 -0.47
C TRP B 49 1.74 22.94 0.11
N ASP B 50 1.94 24.24 -0.14
CA ASP B 50 1.10 25.32 0.45
C ASP B 50 0.93 26.57 -0.45
N ASP B 51 -0.23 26.68 -1.10
CA ASP B 51 -0.60 27.90 -1.87
C ASP B 51 -1.17 29.09 -1.08
N GLN B 59 -3.93 30.02 -8.98
CA GLN B 59 -4.89 31.00 -8.53
C GLN B 59 -6.25 30.38 -8.15
N HIS B 60 -7.03 29.87 -9.12
CA HIS B 60 -8.48 29.52 -8.87
C HIS B 60 -8.74 28.67 -7.61
N ARG B 61 -7.92 27.64 -7.45
CA ARG B 61 -7.92 26.78 -6.25
C ARG B 61 -6.52 26.87 -5.56
N LEU B 62 -6.51 27.07 -4.24
CA LEU B 62 -5.25 27.23 -3.49
C LEU B 62 -4.92 26.02 -2.58
N LYS B 63 -4.27 25.00 -3.14
CA LYS B 63 -4.06 23.68 -2.49
C LYS B 63 -3.14 23.69 -1.25
N ARG B 64 -3.41 22.76 -0.32
CA ARG B 64 -2.50 22.41 0.78
C ARG B 64 -2.38 20.90 1.02
N TYR B 65 -1.16 20.39 1.07
CA TYR B 65 -0.88 18.95 1.12
C TYR B 65 0.43 18.69 1.86
N HIS B 66 0.47 17.55 2.54
CA HIS B 66 1.65 17.16 3.29
C HIS B 66 1.66 15.65 3.45
N SER B 67 2.85 15.09 3.27
CA SER B 67 3.02 13.65 3.24
C SER B 67 4.38 13.34 3.80
N GLN B 68 4.50 12.24 4.51
CA GLN B 68 5.77 11.83 5.12
C GLN B 68 5.94 10.35 4.93
N THR B 69 7.17 9.89 4.82
CA THR B 69 7.41 8.46 4.68
C THR B 69 8.38 8.02 5.73
N TYR B 70 8.19 6.78 6.19
CA TYR B 70 8.95 6.15 7.28
C TYR B 70 9.39 4.76 6.86
N GLY B 71 10.69 4.46 6.98
CA GLY B 71 11.22 3.22 6.38
C GLY B 71 12.10 2.43 7.33
N ASN B 72 12.54 1.28 6.84
CA ASN B 72 13.39 0.39 7.59
C ASN B 72 12.88 0.03 8.94
N GLY B 73 11.59 -0.28 9.02
CA GLY B 73 11.00 -0.72 10.28
C GLY B 73 11.39 -2.16 10.60
N SER B 74 10.75 -2.74 11.61
CA SER B 74 11.08 -4.11 12.01
C SER B 74 10.80 -5.10 10.88
N LYS B 75 11.61 -6.17 10.83
CA LYS B 75 11.47 -7.23 9.80
C LYS B 75 10.11 -7.91 9.82
N CYS B 76 9.45 -7.96 8.68
CA CYS B 76 8.16 -8.63 8.58
C CYS B 76 8.44 -10.12 8.64
N ASP B 77 7.71 -10.86 9.46
CA ASP B 77 7.95 -12.31 9.52
C ASP B 77 7.38 -12.99 8.27
N LEU B 78 6.35 -12.39 7.70
CA LEU B 78 5.79 -12.89 6.47
C LEU B 78 6.74 -12.92 5.27
N ASN B 79 7.70 -11.99 5.18
CA ASN B 79 8.45 -11.86 3.94
C ASN B 79 9.90 -11.42 4.07
N GLY B 80 10.44 -11.33 5.27
CA GLY B 80 11.79 -10.74 5.44
C GLY B 80 11.92 -9.23 5.23
N ARG B 81 10.94 -8.61 4.59
CA ARG B 81 10.96 -7.19 4.31
C ARG B 81 10.82 -6.32 5.58
N PRO B 82 11.64 -5.26 5.69
CA PRO B 82 11.49 -4.20 6.70
C PRO B 82 10.15 -3.57 6.55
N ARG B 83 9.48 -3.29 7.65
CA ARG B 83 8.22 -2.55 7.61
C ARG B 83 8.44 -1.15 7.01
N GLU B 84 7.39 -0.58 6.44
CA GLU B 84 7.39 0.82 6.00
C GLU B 84 5.98 1.43 6.11
N ALA B 85 5.94 2.76 6.16
CA ALA B 85 4.75 3.50 6.40
C ALA B 85 4.75 4.80 5.61
N GLU B 86 3.57 5.17 5.11
CA GLU B 86 3.38 6.53 4.67
C GLU B 86 2.36 7.23 5.56
N VAL B 87 2.50 8.55 5.69
CA VAL B 87 1.65 9.33 6.57
C VAL B 87 0.97 10.46 5.74
N ARG B 88 -0.36 10.47 5.73
CA ARG B 88 -1.18 11.47 5.06
C ARG B 88 -1.66 12.44 6.15
N PHE B 89 -1.53 13.75 5.92
CA PHE B 89 -2.01 14.79 6.86
C PHE B 89 -3.21 15.50 6.24
N LEU B 90 -4.33 15.54 6.93
CA LEU B 90 -5.52 16.11 6.35
C LEU B 90 -6.10 17.15 7.30
N CYS B 91 -6.75 18.15 6.70
CA CYS B 91 -7.50 19.18 7.42
C CYS B 91 -8.50 18.52 8.36
N ASP B 92 -8.55 18.97 9.60
CA ASP B 92 -9.54 18.40 10.50
C ASP B 92 -10.94 19.00 10.25
N ALA B 95 -14.38 20.77 14.13
CA ALA B 95 -14.05 21.86 15.05
C ALA B 95 -12.60 21.66 15.52
N GLY B 96 -11.68 22.27 14.78
CA GLY B 96 -10.27 21.99 14.97
C GLY B 96 -9.71 22.66 16.21
N ILE B 97 -10.28 22.32 17.37
CA ILE B 97 -9.87 22.94 18.61
C ILE B 97 -9.11 22.00 19.54
N SER B 98 -9.24 20.69 19.32
CA SER B 98 -8.74 19.69 20.27
C SER B 98 -7.43 18.93 19.90
N GLY B 99 -6.75 19.35 18.85
CA GLY B 99 -5.41 18.82 18.61
C GLY B 99 -5.29 17.91 17.38
N ASP B 100 -4.07 17.65 16.95
CA ASP B 100 -3.81 16.60 15.96
C ASP B 100 -4.18 15.22 16.48
N TYR B 101 -4.72 14.39 15.59
CA TYR B 101 -4.91 12.99 15.96
C TYR B 101 -4.80 12.01 14.76
N ILE B 102 -4.39 10.78 15.06
CA ILE B 102 -4.44 9.69 14.09
C ILE B 102 -5.88 9.31 13.84
N ASP B 103 -6.36 9.62 12.66
CA ASP B 103 -7.69 9.28 12.30
C ASP B 103 -7.80 7.81 11.91
N ARG B 104 -6.82 7.35 11.12
CA ARG B 104 -6.85 6.02 10.50
C ARG B 104 -5.50 5.41 10.48
N VAL B 105 -5.45 4.10 10.70
CA VAL B 105 -4.26 3.33 10.39
C VAL B 105 -4.69 2.22 9.43
N ASP B 106 -4.18 2.18 8.21
CA ASP B 106 -4.46 1.09 7.28
C ASP B 106 -3.20 0.28 6.97
N GLU B 107 -3.39 -0.98 6.54
CA GLU B 107 -2.27 -1.81 6.20
C GLU B 107 -2.65 -2.47 4.87
N PRO B 108 -2.55 -1.73 3.75
CA PRO B 108 -3.04 -2.29 2.50
C PRO B 108 -2.20 -3.43 1.92
N LEU B 109 -0.93 -3.54 2.31
CA LEU B 109 -0.11 -4.72 2.01
C LEU B 109 0.51 -5.13 3.33
N SER B 110 0.80 -6.43 3.50
CA SER B 110 1.40 -6.88 4.76
C SER B 110 2.58 -6.03 5.09
N CYS B 111 2.59 -5.48 6.30
CA CYS B 111 3.75 -4.73 6.79
C CYS B 111 4.03 -3.45 6.01
N SER B 112 3.05 -2.97 5.24
CA SER B 112 3.07 -1.63 4.67
C SER B 112 1.85 -0.87 5.17
N TYR B 113 2.10 0.19 5.93
CA TYR B 113 1.05 0.96 6.63
C TYR B 113 0.85 2.37 6.01
N VAL B 114 -0.36 2.91 6.15
CA VAL B 114 -0.69 4.30 5.79
C VAL B 114 -1.47 4.85 6.99
N LEU B 115 -0.93 5.88 7.61
CA LEU B 115 -1.59 6.54 8.70
C LEU B 115 -2.13 7.84 8.15
N THR B 116 -3.31 8.23 8.60
CA THR B 116 -3.93 9.48 8.23
C THR B 116 -4.10 10.27 9.53
N ILE B 117 -3.50 11.46 9.53
CA ILE B 117 -3.58 12.39 10.63
C ILE B 117 -4.48 13.55 10.27
N ARG B 118 -5.36 13.92 11.20
CA ARG B 118 -6.23 15.05 11.01
C ARG B 118 -5.67 16.15 11.87
N THR B 119 -5.58 17.35 11.32
CA THR B 119 -4.91 18.45 12.00
C THR B 119 -5.49 19.80 11.52
N PRO B 120 -5.67 20.78 12.45
CA PRO B 120 -6.13 22.11 11.99
C PRO B 120 -5.07 22.87 11.21
N ARG B 121 -3.78 22.48 11.33
CA ARG B 121 -2.68 23.07 10.56
C ARG B 121 -2.84 22.98 9.05
N LEU B 122 -3.71 22.10 8.58
CA LEU B 122 -3.90 21.97 7.15
C LEU B 122 -5.21 22.55 6.65
N CYS B 123 -5.88 23.34 7.48
CA CYS B 123 -7.13 23.94 7.06
C CYS B 123 -6.92 25.40 6.66
C1 BMA C . 5.30 10.38 -19.93
C2 BMA C . 6.57 10.97 -20.59
C3 BMA C . 7.73 9.94 -20.60
C4 BMA C . 7.94 9.30 -19.23
C5 BMA C . 6.58 8.85 -18.63
C6 BMA C . 6.80 8.39 -17.21
O1 BMA C . 4.20 11.45 -19.78
O2 BMA C . 6.99 12.09 -19.82
O3 BMA C . 8.93 10.53 -21.12
O4 BMA C . 8.79 8.18 -19.46
O5 BMA C . 5.61 9.91 -18.65
O6 BMA C . 5.90 9.11 -16.50
C1 MAN C . 5.05 8.17 -15.81
C2 MAN C . 3.97 8.89 -15.01
C3 MAN C . 4.58 9.51 -13.74
C4 MAN C . 5.42 8.53 -12.99
C5 MAN C . 6.49 7.95 -13.90
C6 MAN C . 7.33 6.93 -13.15
O2 MAN C . 3.01 7.92 -14.66
O3 MAN C . 3.57 10.05 -12.91
O4 MAN C . 6.04 9.19 -11.94
O5 MAN C . 5.80 7.31 -14.94
O6 MAN C . 6.41 5.94 -12.71
C1 MAN C . 7.04 4.77 -12.20
C2 MAN C . 5.93 3.73 -11.87
C3 MAN C . 5.07 4.20 -10.68
C4 MAN C . 5.92 4.63 -9.48
C5 MAN C . 7.05 5.57 -9.95
C6 MAN C . 7.98 5.84 -8.78
O2 MAN C . 6.55 2.52 -11.51
O3 MAN C . 4.10 3.20 -10.32
O4 MAN C . 5.03 5.33 -8.60
O5 MAN C . 7.80 5.01 -11.04
O6 MAN C . 9.16 6.51 -9.19
C1 BMA D . -3.74 -11.87 20.13
C2 BMA D . -3.15 -13.04 20.98
C3 BMA D . -1.66 -12.80 21.31
C4 BMA D . -0.84 -12.44 20.07
C5 BMA D . -1.57 -11.37 19.24
C6 BMA D . -0.84 -11.16 17.93
O1 BMA D . -5.16 -12.18 19.65
O2 BMA D . -3.25 -14.23 20.23
O3 BMA D . -1.11 -13.90 22.02
O4 BMA D . 0.40 -11.95 20.55
O5 BMA D . -2.94 -11.71 18.96
O6 BMA D . -1.98 -11.02 17.18
C1 MAN D . -2.02 -9.89 16.32
C2 MAN D . -3.13 -9.99 15.27
C3 MAN D . -2.74 -10.86 14.07
C4 MAN D . -1.35 -10.50 13.57
C5 MAN D . -0.33 -10.50 14.70
C6 MAN D . 1.05 -10.08 14.22
O2 MAN D . -3.40 -8.66 14.85
O3 MAN D . -3.71 -10.71 13.03
O4 MAN D . -0.91 -11.41 12.61
O5 MAN D . -0.75 -9.60 15.71
O6 MAN D . 0.98 -8.68 13.94
C1 MAN D . 2.20 -8.03 13.47
C2 MAN D . 1.88 -6.57 13.08
C3 MAN D . 0.99 -6.53 11.81
C4 MAN D . 1.66 -7.35 10.71
C5 MAN D . 2.00 -8.77 11.22
C6 MAN D . 2.71 -9.57 10.14
O2 MAN D . 3.13 -5.95 12.87
O3 MAN D . 0.70 -5.21 11.38
O4 MAN D . 0.78 -7.49 9.64
O5 MAN D . 2.83 -8.68 12.37
O6 MAN D . 2.88 -10.89 10.63
#